data_4HUJ
#
_entry.id   4HUJ
#
_cell.length_a   58.456
_cell.length_b   79.487
_cell.length_c   100.127
_cell.angle_alpha   90.00
_cell.angle_beta   90.00
_cell.angle_gamma   90.00
#
_symmetry.space_group_name_H-M   'P 21 21 21'
#
loop_
_entity.id
_entity.type
_entity.pdbx_description
1 polymer 'Uncharacterized protein'
2 water water
#
_entity_poly.entity_id   1
_entity_poly.type   'polypeptide(L)'
_entity_poly.pdbx_seq_one_letter_code
;(MSE)HHHHHHSSGVDLGTENLYFQS(MSE)TTYAIIGAGAIGSALAERFTAAQIPAIIANSRGPASLSSVTDRFGASVK
AVELKDALQADVVILAVPYDSIADIVTQVSDWGGQIVVDASNAIDFPAFKPRDLGGRLSTEIVSELVPGAKVVKAFNTLP
AAVLAADPDKGTGSRVLFLSGNHSDANRQVAELISSLGFAPVDLGTLAASGPIQQFGRPLVALNLLKD
;
_entity_poly.pdbx_strand_id   A,B
#
# COMPACT_ATOMS: atom_id res chain seq x y z
N ASN A 17 5.96 -5.12 -9.41
CA ASN A 17 5.20 -3.97 -9.96
C ASN A 17 3.67 -4.15 -9.85
N LEU A 18 3.11 -5.09 -10.60
CA LEU A 18 1.67 -5.38 -10.51
C LEU A 18 1.31 -5.97 -9.15
N TYR A 19 2.30 -6.57 -8.49
CA TYR A 19 2.09 -7.11 -7.16
C TYR A 19 1.83 -6.00 -6.15
N PHE A 20 2.64 -4.93 -6.23
CA PHE A 20 2.65 -3.89 -5.20
C PHE A 20 1.60 -2.79 -5.36
N GLN A 21 0.98 -2.70 -6.53
CA GLN A 21 0.16 -1.53 -6.83
C GLN A 21 -1.15 -1.41 -6.05
N SER A 22 -1.54 -2.48 -5.34
CA SER A 22 -2.78 -2.49 -4.57
C SER A 22 -2.56 -2.25 -3.08
N THR A 24 0.06 0.03 0.09
CA THR A 24 1.16 0.91 0.46
C THR A 24 2.45 0.09 0.41
N THR A 25 3.48 0.64 -0.23
CA THR A 25 4.76 -0.07 -0.31
C THR A 25 5.68 0.33 0.83
N TYR A 26 6.25 -0.67 1.50
CA TYR A 26 7.16 -0.44 2.62
C TYR A 26 8.55 -0.92 2.27
N ALA A 27 9.55 -0.10 2.59
CA ALA A 27 10.93 -0.50 2.43
C ALA A 27 11.67 -0.36 3.76
N ILE A 28 12.38 -1.43 4.13
CA ILE A 28 13.30 -1.38 5.25
C ILE A 28 14.69 -1.08 4.69
N ILE A 29 15.24 0.07 5.06
CA ILE A 29 16.64 0.35 4.78
C ILE A 29 17.32 -0.03 6.09
N GLY A 30 17.75 -1.28 6.15
CA GLY A 30 18.12 -1.87 7.42
C GLY A 30 19.37 -2.71 7.37
N ALA A 31 20.06 -2.76 8.51
CA ALA A 31 21.24 -3.57 8.68
C ALA A 31 21.26 -4.00 10.13
N GLY A 32 22.08 -5.01 10.44
CA GLY A 32 22.22 -5.49 11.82
C GLY A 32 20.94 -6.04 12.41
N ALA A 33 20.90 -6.09 13.74
CA ALA A 33 19.78 -6.69 14.46
C ALA A 33 18.45 -5.96 14.24
N ILE A 34 18.51 -4.64 14.08
CA ILE A 34 17.28 -3.86 13.90
C ILE A 34 16.60 -4.12 12.54
N GLY A 35 17.42 -4.23 11.49
CA GLY A 35 16.91 -4.56 10.16
C GLY A 35 16.24 -5.92 10.16
N SER A 36 16.87 -6.89 10.83
CA SER A 36 16.31 -8.23 10.98
C SER A 36 15.05 -8.25 11.84
N ALA A 37 15.04 -7.44 12.91
CA ALA A 37 13.86 -7.33 13.79
C ALA A 37 12.63 -6.83 13.03
N LEU A 38 12.82 -5.80 12.23
CA LEU A 38 11.76 -5.27 11.39
C LEU A 38 11.28 -6.31 10.38
N ALA A 39 12.21 -6.98 9.71
CA ALA A 39 11.87 -8.04 8.76
C ALA A 39 11.02 -9.13 9.45
N GLU A 40 11.41 -9.51 10.66
CA GLU A 40 10.69 -10.52 11.45
C GLU A 40 9.27 -10.09 11.76
N ARG A 41 9.11 -8.82 12.11
CA ARG A 41 7.79 -8.31 12.44
C ARG A 41 6.88 -8.19 11.21
N PHE A 42 7.43 -7.76 10.08
CA PHE A 42 6.68 -7.69 8.83
C PHE A 42 6.21 -9.09 8.41
N THR A 43 7.10 -10.06 8.52
CA THR A 43 6.82 -11.45 8.19
C THR A 43 5.73 -12.05 9.07
N ALA A 44 5.84 -11.85 10.38
CA ALA A 44 4.85 -12.37 11.32
C ALA A 44 3.47 -11.77 11.06
N ALA A 45 3.44 -10.50 10.63
CA ALA A 45 2.19 -9.80 10.33
C ALA A 45 1.71 -9.98 8.88
N GLN A 46 2.48 -10.74 8.10
CA GLN A 46 2.18 -11.01 6.68
C GLN A 46 2.00 -9.72 5.87
N ILE A 47 2.89 -8.76 6.12
CA ILE A 47 2.92 -7.49 5.39
C ILE A 47 4.13 -7.52 4.45
N PRO A 48 3.86 -7.58 3.13
CA PRO A 48 4.93 -7.60 2.13
C PRO A 48 5.79 -6.34 2.23
N ALA A 49 7.09 -6.53 2.13
CA ALA A 49 8.05 -5.44 2.24
C ALA A 49 9.31 -5.75 1.45
N ILE A 50 10.06 -4.70 1.14
CA ILE A 50 11.36 -4.87 0.53
C ILE A 50 12.41 -4.40 1.53
N ILE A 51 13.64 -4.87 1.36
CA ILE A 51 14.74 -4.51 2.25
C ILE A 51 15.99 -4.25 1.43
N ALA A 52 16.77 -3.26 1.84
CA ALA A 52 18.00 -2.91 1.15
C ALA A 52 18.94 -2.17 2.08
N ASN A 53 20.22 -2.10 1.69
CA ASN A 53 21.18 -1.23 2.34
C ASN A 53 22.36 -0.98 1.40
N SER A 54 23.40 -0.30 1.89
CA SER A 54 24.56 0.06 1.07
C SER A 54 25.37 -1.14 0.58
N ARG A 55 25.30 -2.25 1.30
CA ARG A 55 26.11 -3.43 1.02
C ARG A 55 25.52 -4.36 -0.06
N GLY A 56 24.31 -4.06 -0.51
CA GLY A 56 23.69 -4.80 -1.61
C GLY A 56 22.79 -5.94 -1.18
N PRO A 57 21.94 -6.43 -2.11
CA PRO A 57 20.96 -7.49 -1.84
C PRO A 57 21.60 -8.79 -1.37
N ALA A 58 22.78 -9.09 -1.89
CA ALA A 58 23.52 -10.31 -1.53
C ALA A 58 23.90 -10.35 -0.04
N SER A 59 24.21 -9.19 0.52
CA SER A 59 24.61 -9.08 1.93
C SER A 59 23.46 -9.36 2.89
N LEU A 60 22.23 -9.30 2.37
CA LEU A 60 21.03 -9.51 3.19
C LEU A 60 20.52 -10.96 3.13
N SER A 61 21.39 -11.87 2.71
CA SER A 61 21.04 -13.29 2.58
C SER A 61 20.54 -13.92 3.87
N SER A 62 21.10 -13.50 5.00
CA SER A 62 20.65 -13.95 6.32
C SER A 62 19.17 -13.64 6.55
N VAL A 63 18.75 -12.43 6.19
CA VAL A 63 17.36 -12.01 6.29
C VAL A 63 16.48 -12.79 5.31
N THR A 64 16.93 -12.86 4.05
CA THR A 64 16.23 -13.60 2.99
C THR A 64 15.94 -15.06 3.38
N ASP A 65 16.95 -15.73 3.94
CA ASP A 65 16.81 -17.13 4.36
C ASP A 65 15.70 -17.33 5.40
N ARG A 66 15.58 -16.41 6.35
CA ARG A 66 14.59 -16.53 7.41
C ARG A 66 13.22 -15.95 7.06
N PHE A 67 13.19 -14.85 6.31
CA PHE A 67 11.96 -14.07 6.12
C PHE A 67 11.58 -13.79 4.65
N GLY A 68 12.18 -14.51 3.73
CA GLY A 68 11.99 -14.29 2.29
C GLY A 68 10.58 -14.42 1.77
N ALA A 69 9.70 -15.04 2.56
CA ALA A 69 8.29 -15.22 2.18
C ALA A 69 7.51 -13.91 2.25
N SER A 70 8.04 -12.95 2.99
CA SER A 70 7.34 -11.67 3.17
C SER A 70 8.24 -10.46 2.97
N VAL A 71 9.55 -10.69 2.99
CA VAL A 71 10.53 -9.61 2.85
C VAL A 71 11.55 -9.92 1.75
N LYS A 72 11.56 -9.11 0.71
CA LYS A 72 12.40 -9.33 -0.45
C LYS A 72 13.57 -8.36 -0.51
N ALA A 73 14.79 -8.90 -0.60
CA ALA A 73 15.99 -8.09 -0.73
C ALA A 73 16.10 -7.49 -2.12
N VAL A 74 16.23 -6.17 -2.19
CA VAL A 74 16.33 -5.46 -3.46
C VAL A 74 17.51 -4.50 -3.45
N GLU A 75 17.81 -3.92 -4.62
CA GLU A 75 18.82 -2.88 -4.72
C GLU A 75 18.33 -1.62 -4.03
N LEU A 76 19.27 -0.85 -3.47
CA LEU A 76 18.96 0.36 -2.70
C LEU A 76 18.14 1.38 -3.50
N LYS A 77 18.53 1.62 -4.75
CA LYS A 77 17.85 2.58 -5.64
C LYS A 77 16.37 2.27 -5.82
N ASP A 78 16.02 0.99 -5.76
CA ASP A 78 14.63 0.56 -5.87
C ASP A 78 13.88 0.72 -4.54
N ALA A 79 14.51 0.31 -3.45
CA ALA A 79 13.92 0.43 -2.11
C ALA A 79 13.60 1.87 -1.72
N LEU A 80 14.47 2.79 -2.11
CA LEU A 80 14.31 4.22 -1.79
C LEU A 80 13.13 4.88 -2.53
N GLN A 81 12.46 4.12 -3.40
CA GLN A 81 11.31 4.63 -4.14
C GLN A 81 9.96 4.29 -3.49
N ALA A 82 9.99 3.52 -2.40
CA ALA A 82 8.76 3.07 -1.74
C ALA A 82 7.94 4.19 -1.12
N ASP A 83 6.66 3.91 -0.89
CA ASP A 83 5.74 4.89 -0.28
C ASP A 83 6.21 5.27 1.11
N VAL A 84 6.68 4.27 1.85
CA VAL A 84 7.15 4.44 3.21
C VAL A 84 8.55 3.82 3.32
N VAL A 85 9.53 4.65 3.63
CA VAL A 85 10.93 4.24 3.67
C VAL A 85 11.43 4.37 5.10
N ILE A 86 11.78 3.23 5.69
CA ILE A 86 12.18 3.16 7.09
C ILE A 86 13.69 3.13 7.17
N LEU A 87 14.27 4.19 7.73
CA LEU A 87 15.71 4.31 7.85
C LEU A 87 16.18 3.67 9.15
N ALA A 88 16.55 2.40 9.05
CA ALA A 88 17.01 1.60 10.16
C ALA A 88 18.49 1.27 9.96
N VAL A 89 19.25 2.33 9.69
CA VAL A 89 20.69 2.25 9.51
C VAL A 89 21.32 3.19 10.52
N PRO A 90 22.65 3.10 10.73
CA PRO A 90 23.28 4.02 11.67
C PRO A 90 23.06 5.48 11.27
N TYR A 91 22.91 6.35 12.25
CA TYR A 91 22.68 7.77 12.00
C TYR A 91 23.68 8.35 10.99
N ASP A 92 24.96 8.02 11.16
CA ASP A 92 26.01 8.52 10.27
C ASP A 92 25.96 7.97 8.83
N SER A 93 25.18 6.90 8.63
CA SER A 93 25.01 6.30 7.30
C SER A 93 23.93 6.98 6.47
N ILE A 94 23.07 7.76 7.12
CA ILE A 94 21.88 8.28 6.46
C ILE A 94 22.19 9.19 5.27
N ALA A 95 23.03 10.20 5.49
CA ALA A 95 23.31 11.21 4.45
C ALA A 95 23.72 10.59 3.11
N ASP A 96 24.65 9.64 3.13
CA ASP A 96 25.14 9.00 1.91
C ASP A 96 24.08 8.14 1.20
N ILE A 97 23.13 7.61 1.97
CA ILE A 97 22.03 6.83 1.40
C ILE A 97 20.98 7.74 0.74
N VAL A 98 20.47 8.71 1.49
CA VAL A 98 19.32 9.50 1.04
C VAL A 98 19.66 10.55 -0.03
N THR A 99 20.95 10.88 -0.14
CA THR A 99 21.41 11.83 -1.16
C THR A 99 21.24 11.27 -2.58
N GLN A 100 21.03 9.96 -2.68
CA GLN A 100 20.84 9.28 -3.97
C GLN A 100 19.49 9.59 -4.61
N VAL A 101 18.55 10.07 -3.82
CA VAL A 101 17.23 10.49 -4.30
C VAL A 101 17.11 12.00 -4.20
N SER A 102 16.69 12.63 -5.30
CA SER A 102 16.62 14.09 -5.36
C SER A 102 15.25 14.66 -4.94
N ASP A 103 14.18 14.00 -5.36
CA ASP A 103 12.83 14.44 -4.98
C ASP A 103 12.09 13.35 -4.20
N TRP A 104 11.71 13.68 -2.98
CA TRP A 104 11.04 12.76 -2.08
C TRP A 104 9.54 13.01 -2.00
N GLY A 105 9.03 13.86 -2.90
CA GLY A 105 7.61 14.17 -2.95
C GLY A 105 6.70 12.95 -2.93
N GLY A 106 5.69 12.98 -2.08
CA GLY A 106 4.72 11.91 -1.98
C GLY A 106 5.15 10.72 -1.14
N GLN A 107 6.36 10.79 -0.59
CA GLN A 107 6.89 9.69 0.20
C GLN A 107 6.96 10.03 1.67
N ILE A 108 6.88 9.00 2.50
CA ILE A 108 7.08 9.12 3.94
C ILE A 108 8.43 8.48 4.26
N VAL A 109 9.25 9.20 5.02
CA VAL A 109 10.50 8.66 5.53
C VAL A 109 10.36 8.48 7.03
N VAL A 110 10.62 7.27 7.52
CA VAL A 110 10.58 6.99 8.94
C VAL A 110 12.01 6.97 9.49
N ASP A 111 12.33 7.94 10.34
CA ASP A 111 13.65 7.99 10.98
C ASP A 111 13.68 7.09 12.22
N ALA A 112 14.32 5.93 12.10
CA ALA A 112 14.45 4.99 13.21
C ALA A 112 15.83 5.07 13.88
N SER A 113 16.63 6.05 13.49
CA SER A 113 18.03 6.16 13.95
C SER A 113 18.15 6.93 15.27
N ASN A 114 19.23 6.67 15.99
CA ASN A 114 19.60 7.45 17.17
C ASN A 114 21.00 8.01 16.98
N ALA A 115 21.15 9.32 17.23
CA ALA A 115 22.45 9.98 17.08
C ALA A 115 23.24 9.79 18.37
N ILE A 116 24.15 8.83 18.34
CA ILE A 116 24.90 8.39 19.52
C ILE A 116 26.39 8.50 19.23
N ASP A 117 27.17 8.99 20.20
CA ASP A 117 28.61 9.10 20.04
C ASP A 117 29.34 7.85 20.52
N PHE A 118 30.41 7.51 19.80
CA PHE A 118 31.31 6.40 20.12
C PHE A 118 32.61 7.02 20.63
N PRO A 119 33.22 6.42 21.68
CA PRO A 119 32.88 5.15 22.34
C PRO A 119 32.10 5.25 23.65
N ALA A 120 31.72 6.46 24.07
CA ALA A 120 31.07 6.64 25.37
C ALA A 120 29.57 6.37 25.34
N PHE A 121 28.98 6.37 24.14
CA PHE A 121 27.55 6.08 23.95
C PHE A 121 26.62 7.10 24.59
N LYS A 122 27.06 8.35 24.59
CA LYS A 122 26.24 9.46 25.04
C LYS A 122 25.52 10.07 23.86
N PRO A 123 24.42 10.81 24.12
CA PRO A 123 23.72 11.51 23.04
C PRO A 123 24.66 12.49 22.36
N ARG A 124 24.60 12.51 21.04
CA ARG A 124 25.43 13.40 20.25
C ARG A 124 25.11 14.87 20.52
N ASP A 125 26.15 15.71 20.51
CA ASP A 125 25.96 17.15 20.53
C ASP A 125 25.62 17.62 19.12
N LEU A 126 24.36 18.02 18.91
CA LEU A 126 23.91 18.53 17.63
C LEU A 126 23.55 20.01 17.73
N GLY A 127 24.16 20.67 18.72
CA GLY A 127 23.95 22.10 18.95
C GLY A 127 22.52 22.45 19.30
N GLY A 128 21.84 21.54 20.01
CA GLY A 128 20.45 21.75 20.42
C GLY A 128 19.40 21.30 19.42
N ARG A 129 19.80 21.15 18.16
CA ARG A 129 18.90 20.70 17.09
C ARG A 129 18.47 19.25 17.32
N LEU A 130 17.27 18.92 16.87
CA LEU A 130 16.79 17.54 16.98
C LEU A 130 17.33 16.69 15.83
N SER A 131 17.73 15.46 16.13
CA SER A 131 18.32 14.61 15.11
C SER A 131 17.38 14.37 13.92
N THR A 132 16.09 14.20 14.22
CA THR A 132 15.11 13.92 13.16
C THR A 132 14.84 15.15 12.29
N GLU A 133 15.02 16.34 12.87
CA GLU A 133 14.96 17.60 12.10
C GLU A 133 16.12 17.69 11.10
N ILE A 134 17.31 17.27 11.53
CA ILE A 134 18.49 17.20 10.67
C ILE A 134 18.26 16.19 9.53
N VAL A 135 17.79 14.99 9.89
CA VAL A 135 17.44 13.98 8.89
C VAL A 135 16.40 14.53 7.89
N SER A 136 15.41 15.26 8.39
CA SER A 136 14.34 15.80 7.55
C SER A 136 14.88 16.73 6.45
N GLU A 137 15.91 17.50 6.78
CA GLU A 137 16.55 18.41 5.82
C GLU A 137 17.28 17.68 4.71
N LEU A 138 17.72 16.44 4.99
CA LEU A 138 18.38 15.59 4.00
C LEU A 138 17.40 14.90 3.05
N VAL A 139 16.11 14.94 3.39
CA VAL A 139 15.07 14.38 2.52
C VAL A 139 13.96 15.42 2.20
N PRO A 140 14.34 16.53 1.52
CA PRO A 140 13.34 17.56 1.23
C PRO A 140 12.20 17.01 0.38
N GLY A 141 10.97 17.40 0.72
CA GLY A 141 9.81 16.87 0.02
C GLY A 141 9.17 15.70 0.74
N ALA A 142 9.96 14.96 1.52
CA ALA A 142 9.45 13.82 2.28
C ALA A 142 8.71 14.28 3.53
N LYS A 143 7.68 13.54 3.91
CA LYS A 143 7.05 13.72 5.21
C LYS A 143 7.74 12.74 6.17
N VAL A 144 8.39 13.28 7.19
CA VAL A 144 9.21 12.46 8.11
C VAL A 144 8.45 12.12 9.38
N VAL A 145 8.50 10.84 9.77
CA VAL A 145 7.95 10.37 11.04
C VAL A 145 9.10 9.77 11.83
N LYS A 146 9.19 10.11 13.12
CA LYS A 146 10.18 9.51 14.01
C LYS A 146 9.54 8.32 14.70
N ALA A 147 10.06 7.12 14.44
CA ALA A 147 9.52 5.88 15.00
C ALA A 147 10.48 4.72 14.84
N PHE A 148 10.32 3.70 15.70
CA PHE A 148 11.15 2.48 15.71
C PHE A 148 12.54 2.71 16.29
N ASN A 149 12.78 3.89 16.85
CA ASN A 149 14.08 4.19 17.46
C ASN A 149 14.13 3.87 18.95
N THR A 150 12.98 3.51 19.53
CA THR A 150 12.84 3.48 20.98
C THR A 150 13.17 2.15 21.62
N LEU A 151 13.07 1.07 20.86
CA LEU A 151 13.26 -0.26 21.44
C LEU A 151 14.53 -0.94 20.96
N PRO A 152 15.20 -1.67 21.87
CA PRO A 152 16.27 -2.55 21.47
C PRO A 152 15.74 -3.57 20.46
N ALA A 153 16.59 -3.97 19.51
CA ALA A 153 16.24 -4.94 18.49
C ALA A 153 15.65 -6.23 19.08
N ALA A 154 16.19 -6.70 20.20
CA ALA A 154 15.71 -7.95 20.81
C ALA A 154 14.26 -7.83 21.29
N VAL A 155 13.89 -6.62 21.71
CA VAL A 155 12.51 -6.34 22.13
C VAL A 155 11.62 -6.20 20.90
N LEU A 156 12.07 -5.40 19.91
CA LEU A 156 11.31 -5.19 18.67
C LEU A 156 11.04 -6.51 17.92
N ALA A 157 12.02 -7.41 17.94
CA ALA A 157 11.92 -8.67 17.20
C ALA A 157 10.88 -9.63 17.78
N ALA A 158 10.60 -9.47 19.06
CA ALA A 158 9.68 -10.36 19.78
C ALA A 158 8.22 -10.14 19.37
N ASP A 159 7.38 -11.16 19.62
CA ASP A 159 5.94 -11.01 19.42
C ASP A 159 5.43 -9.86 20.28
N PRO A 160 4.83 -8.83 19.66
CA PRO A 160 4.34 -7.67 20.43
C PRO A 160 3.13 -7.94 21.32
N ASP A 161 2.40 -9.03 21.07
CA ASP A 161 1.24 -9.39 21.89
C ASP A 161 1.66 -10.24 23.10
N LYS A 162 1.51 -9.68 24.30
CA LYS A 162 1.91 -10.37 25.53
C LYS A 162 0.72 -10.72 26.43
N GLY A 163 -0.33 -11.25 25.81
CA GLY A 163 -1.53 -11.69 26.53
C GLY A 163 -2.34 -10.53 27.08
N THR A 164 -1.77 -9.81 28.05
CA THR A 164 -2.44 -8.66 28.65
C THR A 164 -1.72 -7.38 28.20
N GLY A 165 -1.69 -7.16 26.88
CA GLY A 165 -1.17 -5.92 26.34
C GLY A 165 -0.30 -6.07 25.10
N SER A 166 -0.23 -5.00 24.32
CA SER A 166 0.62 -4.93 23.14
C SER A 166 1.78 -4.00 23.38
N ARG A 167 2.96 -4.39 22.91
CA ARG A 167 4.18 -3.60 23.06
C ARG A 167 3.99 -2.20 22.44
N VAL A 168 4.38 -1.18 23.19
CA VAL A 168 4.18 0.21 22.78
C VAL A 168 5.33 0.71 21.91
N LEU A 169 4.96 1.30 20.78
CA LEU A 169 5.90 2.06 19.95
C LEU A 169 5.44 3.51 19.88
N PHE A 170 6.22 4.39 20.50
CA PHE A 170 5.98 5.83 20.36
C PHE A 170 6.37 6.31 18.96
N LEU A 171 5.63 7.29 18.45
CA LEU A 171 5.99 7.95 17.19
C LEU A 171 5.69 9.44 17.28
N SER A 172 6.25 10.20 16.36
CA SER A 172 6.04 11.64 16.33
C SER A 172 6.42 12.16 14.95
N GLY A 173 6.06 13.41 14.68
CA GLY A 173 6.27 13.97 13.35
C GLY A 173 5.36 15.16 13.12
N ASN A 174 5.75 16.01 12.18
CA ASN A 174 5.07 17.29 11.96
C ASN A 174 3.81 17.20 11.10
N HIS A 175 3.66 16.07 10.41
CA HIS A 175 2.58 15.87 9.45
C HIS A 175 1.59 14.82 9.97
N SER A 176 0.41 15.26 10.41
CA SER A 176 -0.56 14.35 11.04
C SER A 176 -0.95 13.18 10.14
N ASP A 177 -1.04 13.41 8.83
CA ASP A 177 -1.42 12.34 7.91
C ASP A 177 -0.33 11.28 7.78
N ALA A 178 0.93 11.72 7.76
CA ALA A 178 2.04 10.77 7.75
C ALA A 178 2.10 9.99 9.07
N ASN A 179 1.95 10.69 10.18
CA ASN A 179 1.91 10.03 11.50
C ASN A 179 0.83 8.94 11.53
N ARG A 180 -0.36 9.27 11.03
CA ARG A 180 -1.47 8.31 10.97
C ARG A 180 -1.08 7.06 10.20
N GLN A 181 -0.45 7.25 9.04
CA GLN A 181 -0.08 6.14 8.15
C GLN A 181 0.94 5.24 8.83
N VAL A 182 1.89 5.85 9.53
CA VAL A 182 2.88 5.07 10.28
C VAL A 182 2.25 4.39 11.50
N ALA A 183 1.32 5.07 12.17
CA ALA A 183 0.55 4.45 13.26
C ALA A 183 -0.21 3.23 12.76
N GLU A 184 -0.78 3.34 11.56
CA GLU A 184 -1.48 2.24 10.89
C GLU A 184 -0.56 1.04 10.68
N LEU A 185 0.66 1.31 10.22
CA LEU A 185 1.66 0.26 10.03
C LEU A 185 1.99 -0.41 11.37
N ILE A 186 2.22 0.43 12.38
CA ILE A 186 2.58 -0.05 13.72
C ILE A 186 1.49 -0.97 14.28
N SER A 187 0.24 -0.55 14.16
CA SER A 187 -0.91 -1.34 14.59
C SER A 187 -1.01 -2.66 13.84
N SER A 188 -0.78 -2.59 12.54
CA SER A 188 -0.82 -3.77 11.67
C SER A 188 0.26 -4.78 12.01
N LEU A 189 1.41 -4.27 12.46
CA LEU A 189 2.51 -5.11 12.92
C LEU A 189 2.26 -5.73 14.30
N GLY A 190 1.16 -5.34 14.96
CA GLY A 190 0.79 -5.89 16.26
C GLY A 190 1.20 -5.07 17.48
N PHE A 191 1.87 -3.96 17.23
CA PHE A 191 2.27 -3.03 18.29
C PHE A 191 1.16 -2.03 18.58
N ALA A 192 1.29 -1.32 19.70
CA ALA A 192 0.38 -0.24 20.05
C ALA A 192 1.07 1.09 19.76
N PRO A 193 0.60 1.83 18.74
CA PRO A 193 1.20 3.13 18.46
C PRO A 193 0.73 4.18 19.46
N VAL A 194 1.66 5.02 19.90
CA VAL A 194 1.30 6.21 20.67
C VAL A 194 1.94 7.41 19.99
N ASP A 195 1.11 8.24 19.38
CA ASP A 195 1.56 9.42 18.66
C ASP A 195 1.71 10.60 19.63
N LEU A 196 2.96 10.98 19.88
CA LEU A 196 3.29 12.03 20.85
C LEU A 196 3.10 13.44 20.32
N GLY A 197 2.87 13.55 19.01
CA GLY A 197 2.69 14.84 18.36
C GLY A 197 3.86 15.23 17.48
N THR A 198 4.20 16.52 17.46
CA THR A 198 5.27 17.06 16.61
C THR A 198 6.66 16.61 17.02
N LEU A 199 7.64 16.81 16.12
CA LEU A 199 9.03 16.54 16.48
C LEU A 199 9.50 17.42 17.63
N ALA A 200 9.02 18.67 17.68
CA ALA A 200 9.31 19.55 18.81
C ALA A 200 8.80 18.96 20.11
N ALA A 201 7.58 18.42 20.08
CA ALA A 201 6.96 17.84 21.28
C ALA A 201 7.69 16.58 21.74
N SER A 202 8.18 15.79 20.79
CA SER A 202 8.86 14.53 21.13
C SER A 202 10.36 14.68 21.41
N GLY A 203 10.93 15.83 21.05
CA GLY A 203 12.36 16.08 21.25
C GLY A 203 12.91 15.72 22.63
N PRO A 204 12.32 16.30 23.70
CA PRO A 204 12.85 16.00 25.02
C PRO A 204 12.37 14.67 25.63
N ILE A 205 11.63 13.87 24.88
CA ILE A 205 11.13 12.60 25.44
C ILE A 205 11.40 11.33 24.60
N GLN A 206 11.40 11.46 23.27
CA GLN A 206 11.58 10.31 22.39
C GLN A 206 12.97 10.21 21.76
N GLN A 207 13.76 11.28 21.85
CA GLN A 207 15.10 11.26 21.30
C GLN A 207 16.02 10.46 22.21
N PHE A 208 17.05 9.83 21.64
CA PHE A 208 18.05 9.11 22.41
C PHE A 208 18.49 9.93 23.62
N GLY A 209 18.56 9.27 24.77
CA GLY A 209 18.96 9.92 26.02
C GLY A 209 17.78 10.43 26.84
N ARG A 210 16.58 10.33 26.29
CA ARG A 210 15.38 10.87 26.94
C ARG A 210 14.48 9.74 27.48
N PRO A 211 13.49 10.09 28.34
CA PRO A 211 12.81 9.06 29.15
C PRO A 211 12.09 7.91 28.43
N LEU A 212 11.63 8.12 27.20
CA LEU A 212 10.85 7.08 26.53
C LEU A 212 11.68 6.11 25.70
N VAL A 213 12.96 6.40 25.56
CA VAL A 213 13.87 5.50 24.83
C VAL A 213 14.25 4.33 25.73
N ALA A 214 14.15 3.12 25.18
CA ALA A 214 14.50 1.87 25.86
C ALA A 214 13.56 1.55 27.01
N LEU A 215 12.35 2.09 26.94
CA LEU A 215 11.34 1.86 27.96
C LEU A 215 10.33 0.86 27.41
N ASN A 216 10.22 -0.30 28.06
CA ASN A 216 9.29 -1.33 27.64
C ASN A 216 7.93 -1.17 28.32
N LEU A 217 6.94 -0.77 27.52
CA LEU A 217 5.57 -0.61 27.99
C LEU A 217 4.59 -1.44 27.17
N LEU A 218 3.45 -1.74 27.78
CA LEU A 218 2.34 -2.41 27.09
C LEU A 218 1.08 -1.55 27.16
N LYS A 219 0.26 -1.63 26.12
CA LYS A 219 -1.07 -1.02 26.17
C LYS A 219 -2.07 -2.16 26.34
N ASP A 220 -2.77 -2.16 27.48
CA ASP A 220 -3.69 -3.27 27.78
C ASP A 220 -5.14 -2.92 27.46
N GLU B 16 -26.69 11.10 1.00
CA GLU B 16 -25.98 10.36 -0.09
C GLU B 16 -26.98 9.69 -1.01
N ASN B 17 -27.99 9.05 -0.41
CA ASN B 17 -29.03 8.37 -1.19
C ASN B 17 -29.64 9.25 -2.29
N LEU B 18 -30.17 10.41 -1.94
CA LEU B 18 -30.82 11.25 -2.96
C LEU B 18 -29.88 11.76 -4.04
N TYR B 19 -28.61 11.96 -3.71
CA TYR B 19 -27.65 12.39 -4.72
C TYR B 19 -27.47 11.33 -5.80
N PHE B 20 -27.42 10.07 -5.38
CA PHE B 20 -27.01 8.97 -6.25
C PHE B 20 -28.17 8.27 -6.98
N GLN B 21 -29.41 8.62 -6.65
CA GLN B 21 -30.60 7.94 -7.18
C GLN B 21 -30.71 7.94 -8.70
N SER B 22 -30.12 8.94 -9.34
CA SER B 22 -30.32 9.18 -10.76
C SER B 22 -29.13 8.72 -11.61
N THR B 24 -25.90 5.33 -12.09
CA THR B 24 -25.27 4.09 -11.65
C THR B 24 -24.27 4.48 -10.57
N THR B 25 -24.28 3.72 -9.46
CA THR B 25 -23.34 3.99 -8.37
C THR B 25 -22.11 3.10 -8.52
N TYR B 26 -20.94 3.74 -8.44
CA TYR B 26 -19.66 3.06 -8.57
C TYR B 26 -18.91 3.18 -7.26
N ALA B 27 -18.39 2.05 -6.78
CA ALA B 27 -17.51 2.03 -5.63
C ALA B 27 -16.13 1.47 -6.01
N ILE B 28 -15.09 2.19 -5.62
CA ILE B 28 -13.72 1.71 -5.74
C ILE B 28 -13.35 1.11 -4.39
N ILE B 29 -13.13 -0.20 -4.36
CA ILE B 29 -12.63 -0.84 -3.16
C ILE B 29 -11.15 -1.02 -3.36
N GLY B 30 -10.37 -0.13 -2.76
CA GLY B 30 -8.96 -0.16 -3.07
C GLY B 30 -8.05 0.70 -2.25
N ALA B 31 -6.77 0.54 -2.51
CA ALA B 31 -5.72 1.28 -1.84
C ALA B 31 -4.52 1.28 -2.76
N GLY B 32 -3.43 1.88 -2.27
CA GLY B 32 -2.21 1.94 -3.04
C GLY B 32 -2.39 2.73 -4.32
N ALA B 33 -1.48 2.51 -5.26
CA ALA B 33 -1.47 3.24 -6.51
C ALA B 33 -2.67 2.92 -7.41
N ILE B 34 -3.16 1.69 -7.38
CA ILE B 34 -4.31 1.31 -8.23
C ILE B 34 -5.60 2.01 -7.77
N GLY B 35 -5.78 2.12 -6.45
CA GLY B 35 -6.91 2.86 -5.88
C GLY B 35 -6.90 4.31 -6.32
N SER B 36 -5.73 4.95 -6.22
CA SER B 36 -5.58 6.35 -6.64
C SER B 36 -5.74 6.53 -8.14
N ALA B 37 -5.24 5.57 -8.92
CA ALA B 37 -5.33 5.65 -10.38
C ALA B 37 -6.80 5.63 -10.82
N LEU B 38 -7.58 4.71 -10.25
CA LEU B 38 -9.02 4.68 -10.50
C LEU B 38 -9.70 5.99 -10.09
N ALA B 39 -9.40 6.47 -8.88
CA ALA B 39 -9.90 7.77 -8.43
C ALA B 39 -9.58 8.90 -9.42
N GLU B 40 -8.36 8.93 -9.91
CA GLU B 40 -7.93 9.96 -10.87
C GLU B 40 -8.74 9.90 -12.16
N ARG B 41 -8.99 8.68 -12.65
CA ARG B 41 -9.74 8.49 -13.89
C ARG B 41 -11.21 8.84 -13.74
N PHE B 42 -11.82 8.46 -12.62
CA PHE B 42 -13.21 8.84 -12.37
C PHE B 42 -13.32 10.36 -12.28
N THR B 43 -12.35 10.98 -11.63
CA THR B 43 -12.32 12.45 -11.48
C THR B 43 -12.25 13.15 -12.82
N ALA B 44 -11.31 12.75 -13.67
CA ALA B 44 -11.13 13.35 -15.00
C ALA B 44 -12.39 13.22 -15.88
N ALA B 45 -13.09 12.10 -15.71
CA ALA B 45 -14.30 11.79 -16.47
C ALA B 45 -15.58 12.39 -15.88
N GLN B 46 -15.43 13.02 -14.71
CA GLN B 46 -16.55 13.63 -13.98
C GLN B 46 -17.67 12.63 -13.70
N ILE B 47 -17.27 11.43 -13.28
CA ILE B 47 -18.20 10.38 -12.87
C ILE B 47 -18.10 10.28 -11.35
N PRO B 48 -19.15 10.71 -10.63
CA PRO B 48 -19.13 10.62 -9.18
C PRO B 48 -18.93 9.18 -8.72
N ALA B 49 -18.08 9.01 -7.71
CA ALA B 49 -17.79 7.68 -7.19
C ALA B 49 -17.47 7.75 -5.71
N ILE B 50 -17.53 6.60 -5.06
CA ILE B 50 -17.09 6.48 -3.67
C ILE B 50 -15.91 5.52 -3.62
N ILE B 51 -15.11 5.65 -2.57
CA ILE B 51 -13.94 4.80 -2.37
C ILE B 51 -13.87 4.33 -0.92
N ALA B 52 -13.45 3.09 -0.72
CA ALA B 52 -13.33 2.53 0.62
C ALA B 52 -12.32 1.38 0.66
N ASN B 53 -11.85 1.07 1.87
CA ASN B 53 -11.08 -0.15 2.09
C ASN B 53 -11.17 -0.61 3.56
N SER B 54 -10.42 -1.65 3.91
CA SER B 54 -10.50 -2.23 5.26
C SER B 54 -9.97 -1.32 6.37
N ARG B 55 -9.18 -0.32 6.00
CA ARG B 55 -8.56 0.59 6.98
C ARG B 55 -9.42 1.83 7.31
N GLY B 56 -10.50 2.04 6.55
CA GLY B 56 -11.43 3.13 6.84
C GLY B 56 -11.20 4.39 6.00
N PRO B 57 -12.22 5.28 5.94
CA PRO B 57 -12.14 6.48 5.11
C PRO B 57 -10.99 7.42 5.48
N ALA B 58 -10.62 7.46 6.76
CA ALA B 58 -9.52 8.30 7.22
C ALA B 58 -8.17 7.91 6.58
N SER B 59 -8.00 6.62 6.33
CA SER B 59 -6.77 6.09 5.72
C SER B 59 -6.61 6.47 4.25
N LEU B 60 -7.69 6.99 3.66
CA LEU B 60 -7.69 7.38 2.25
C LEU B 60 -7.44 8.89 2.06
N SER B 61 -6.79 9.50 3.05
CA SER B 61 -6.50 10.93 3.05
C SER B 61 -5.83 11.45 1.77
N SER B 62 -4.91 10.67 1.21
CA SER B 62 -4.22 11.07 -0.01
C SER B 62 -5.19 11.20 -1.19
N VAL B 63 -6.08 10.23 -1.33
CA VAL B 63 -7.10 10.28 -2.38
C VAL B 63 -8.06 11.46 -2.13
N THR B 64 -8.45 11.64 -0.87
CA THR B 64 -9.34 12.74 -0.49
C THR B 64 -8.70 14.12 -0.76
N ASP B 65 -7.41 14.27 -0.42
CA ASP B 65 -6.68 15.51 -0.69
C ASP B 65 -6.62 15.88 -2.17
N ARG B 66 -6.44 14.87 -3.02
CA ARG B 66 -6.23 15.06 -4.45
C ARG B 66 -7.53 15.07 -5.27
N PHE B 67 -8.50 14.25 -4.88
CA PHE B 67 -9.68 13.98 -5.70
C PHE B 67 -11.00 14.07 -4.93
N GLY B 68 -10.94 14.58 -3.70
CA GLY B 68 -12.10 14.57 -2.79
C GLY B 68 -13.33 15.31 -3.28
N ALA B 69 -13.15 16.27 -4.19
CA ALA B 69 -14.29 16.98 -4.76
C ALA B 69 -15.06 16.11 -5.76
N SER B 70 -14.51 14.94 -6.07
CA SER B 70 -15.01 14.09 -7.14
C SER B 70 -15.19 12.62 -6.74
N VAL B 71 -14.41 12.18 -5.77
CA VAL B 71 -14.46 10.80 -5.28
C VAL B 71 -14.47 10.85 -3.75
N LYS B 72 -15.54 10.33 -3.15
CA LYS B 72 -15.77 10.45 -1.71
C LYS B 72 -15.37 9.18 -0.96
N ALA B 73 -14.48 9.34 0.00
CA ALA B 73 -14.11 8.26 0.92
C ALA B 73 -15.25 7.94 1.87
N VAL B 74 -15.63 6.67 1.94
CA VAL B 74 -16.75 6.21 2.77
C VAL B 74 -16.39 4.94 3.53
N GLU B 75 -17.29 4.52 4.42
CA GLU B 75 -17.12 3.24 5.12
C GLU B 75 -17.32 2.07 4.18
N LEU B 76 -16.55 1.00 4.40
CA LEU B 76 -16.62 -0.20 3.56
C LEU B 76 -18.02 -0.78 3.45
N LYS B 77 -18.74 -0.85 4.58
CA LYS B 77 -20.12 -1.37 4.60
C LYS B 77 -21.03 -0.66 3.60
N ASP B 78 -20.80 0.63 3.41
CA ASP B 78 -21.62 1.44 2.50
C ASP B 78 -21.16 1.29 1.06
N ALA B 79 -19.84 1.29 0.84
CA ALA B 79 -19.29 1.13 -0.50
C ALA B 79 -19.71 -0.19 -1.15
N LEU B 80 -19.80 -1.24 -0.34
CA LEU B 80 -20.11 -2.58 -0.84
C LEU B 80 -21.56 -2.75 -1.28
N GLN B 81 -22.36 -1.70 -1.11
CA GLN B 81 -23.75 -1.71 -1.54
C GLN B 81 -23.95 -1.09 -2.94
N ALA B 82 -22.88 -0.60 -3.54
CA ALA B 82 -22.96 0.11 -4.83
C ALA B 82 -23.38 -0.80 -5.99
N ASP B 83 -23.90 -0.20 -7.06
CA ASP B 83 -24.36 -0.95 -8.24
C ASP B 83 -23.19 -1.72 -8.87
N VAL B 84 -22.04 -1.05 -8.93
CA VAL B 84 -20.83 -1.60 -9.52
C VAL B 84 -19.72 -1.45 -8.49
N VAL B 85 -19.22 -2.58 -8.02
CA VAL B 85 -18.20 -2.61 -6.96
C VAL B 85 -16.91 -3.12 -7.57
N ILE B 86 -15.88 -2.27 -7.58
CA ILE B 86 -14.61 -2.59 -8.23
C ILE B 86 -13.62 -3.03 -7.16
N LEU B 87 -13.22 -4.30 -7.23
CA LEU B 87 -12.26 -4.85 -6.27
C LEU B 87 -10.82 -4.62 -6.73
N ALA B 88 -10.24 -3.54 -6.23
CA ALA B 88 -8.87 -3.14 -6.54
C ALA B 88 -8.00 -3.26 -5.28
N VAL B 89 -8.16 -4.41 -4.63
CA VAL B 89 -7.40 -4.75 -3.43
C VAL B 89 -6.56 -5.98 -3.75
N PRO B 90 -5.55 -6.28 -2.91
CA PRO B 90 -4.75 -7.48 -3.17
C PRO B 90 -5.62 -8.73 -3.24
N TYR B 91 -5.26 -9.68 -4.10
CA TYR B 91 -6.05 -10.90 -4.30
C TYR B 91 -6.40 -11.58 -2.97
N ASP B 92 -5.43 -11.70 -2.07
CA ASP B 92 -5.66 -12.39 -0.79
C ASP B 92 -6.58 -11.62 0.17
N SER B 93 -6.78 -10.34 -0.10
CA SER B 93 -7.63 -9.47 0.74
C SER B 93 -9.11 -9.61 0.43
N ILE B 94 -9.44 -10.12 -0.77
CA ILE B 94 -10.83 -10.16 -1.24
C ILE B 94 -11.78 -10.90 -0.31
N ALA B 95 -11.41 -12.12 0.11
CA ALA B 95 -12.30 -12.98 0.90
C ALA B 95 -12.85 -12.30 2.16
N ASP B 96 -11.97 -11.61 2.90
CA ASP B 96 -12.36 -10.95 4.14
C ASP B 96 -13.24 -9.71 3.93
N ILE B 97 -13.14 -9.10 2.75
CA ILE B 97 -13.96 -7.96 2.38
C ILE B 97 -15.37 -8.40 1.96
N VAL B 98 -15.45 -9.32 0.99
CA VAL B 98 -16.73 -9.67 0.37
C VAL B 98 -17.65 -10.53 1.23
N THR B 99 -17.09 -11.24 2.21
CA THR B 99 -17.87 -12.06 3.13
C THR B 99 -18.78 -11.22 4.03
N GLN B 100 -18.49 -9.91 4.09
CA GLN B 100 -19.28 -8.96 4.86
C GLN B 100 -20.64 -8.68 4.22
N VAL B 101 -20.82 -9.14 2.99
CA VAL B 101 -22.09 -9.03 2.28
C VAL B 101 -22.64 -10.44 2.01
N SER B 102 -23.90 -10.65 2.37
CA SER B 102 -24.57 -11.92 2.08
C SER B 102 -25.43 -11.84 0.82
N ASP B 103 -25.94 -10.65 0.51
CA ASP B 103 -26.80 -10.44 -0.66
C ASP B 103 -26.12 -9.61 -1.76
N TRP B 104 -25.68 -10.29 -2.82
CA TRP B 104 -25.06 -9.59 -3.96
C TRP B 104 -25.97 -9.46 -5.19
N GLY B 105 -27.10 -10.16 -5.19
CA GLY B 105 -28.05 -10.09 -6.30
C GLY B 105 -28.33 -8.65 -6.74
N GLY B 106 -28.25 -8.41 -8.04
CA GLY B 106 -28.52 -7.08 -8.60
C GLY B 106 -27.28 -6.19 -8.76
N GLN B 107 -26.17 -6.63 -8.17
CA GLN B 107 -24.92 -5.87 -8.23
C GLN B 107 -23.94 -6.49 -9.21
N ILE B 108 -23.05 -5.65 -9.73
CA ILE B 108 -21.94 -6.10 -10.54
C ILE B 108 -20.68 -5.96 -9.70
N VAL B 109 -19.87 -7.01 -9.69
CA VAL B 109 -18.57 -6.99 -9.03
C VAL B 109 -17.51 -7.03 -10.12
N VAL B 110 -16.59 -6.07 -10.10
CA VAL B 110 -15.51 -6.05 -11.06
C VAL B 110 -14.25 -6.56 -10.37
N ASP B 111 -13.73 -7.68 -10.85
CA ASP B 111 -12.49 -8.24 -10.30
C ASP B 111 -11.28 -7.62 -10.99
N ALA B 112 -10.60 -6.71 -10.29
CA ALA B 112 -9.41 -6.05 -10.84
C ALA B 112 -8.10 -6.68 -10.32
N SER B 113 -8.24 -7.77 -9.56
CA SER B 113 -7.09 -8.35 -8.86
C SER B 113 -6.32 -9.34 -9.73
N ASN B 114 -5.05 -9.53 -9.40
CA ASN B 114 -4.22 -10.58 -9.97
C ASN B 114 -3.65 -11.46 -8.86
N ALA B 115 -3.81 -12.78 -9.02
CA ALA B 115 -3.26 -13.73 -8.05
C ALA B 115 -1.79 -13.98 -8.33
N ILE B 116 -0.94 -13.28 -7.57
CA ILE B 116 0.50 -13.23 -7.82
C ILE B 116 1.24 -13.74 -6.58
N ASP B 117 2.29 -14.53 -6.77
CA ASP B 117 3.11 -15.02 -5.67
C ASP B 117 4.29 -14.09 -5.37
N PHE B 118 4.62 -13.99 -4.09
CA PHE B 118 5.75 -13.22 -3.59
C PHE B 118 6.80 -14.23 -3.09
N PRO B 119 8.10 -13.98 -3.35
CA PRO B 119 8.73 -12.81 -3.96
C PRO B 119 9.08 -12.90 -5.45
N ALA B 120 8.81 -14.04 -6.09
CA ALA B 120 9.15 -14.25 -7.50
C ALA B 120 8.24 -13.50 -8.49
N PHE B 121 7.04 -13.16 -8.05
CA PHE B 121 6.03 -12.45 -8.88
C PHE B 121 5.56 -13.27 -10.08
N LYS B 122 5.51 -14.58 -9.88
CA LYS B 122 4.95 -15.51 -10.88
C LYS B 122 3.46 -15.70 -10.59
N PRO B 123 2.69 -16.16 -11.59
CA PRO B 123 1.28 -16.42 -11.32
C PRO B 123 1.11 -17.51 -10.27
N ARG B 124 0.12 -17.34 -9.40
CA ARG B 124 -0.12 -18.30 -8.33
C ARG B 124 -0.58 -19.63 -8.89
N ASP B 125 -0.13 -20.71 -8.24
CA ASP B 125 -0.68 -22.02 -8.54
C ASP B 125 -2.10 -22.11 -7.98
N LEU B 126 -3.08 -22.11 -8.88
CA LEU B 126 -4.49 -22.22 -8.50
C LEU B 126 -5.09 -23.56 -8.95
N GLY B 127 -4.21 -24.54 -9.16
CA GLY B 127 -4.65 -25.87 -9.60
C GLY B 127 -5.36 -25.86 -10.95
N GLY B 128 -5.00 -24.91 -11.80
CA GLY B 128 -5.60 -24.78 -13.12
C GLY B 128 -6.84 -23.92 -13.18
N ARG B 129 -7.32 -23.50 -12.02
CA ARG B 129 -8.54 -22.67 -11.94
C ARG B 129 -8.29 -21.23 -12.35
N LEU B 130 -9.35 -20.58 -12.82
CA LEU B 130 -9.28 -19.16 -13.15
C LEU B 130 -9.55 -18.33 -11.89
N SER B 131 -8.69 -17.34 -11.63
CA SER B 131 -8.79 -16.56 -10.39
C SER B 131 -10.13 -15.84 -10.28
N THR B 132 -10.66 -15.36 -11.41
CA THR B 132 -11.94 -14.63 -11.36
C THR B 132 -13.12 -15.56 -11.10
N GLU B 133 -13.01 -16.81 -11.54
CA GLU B 133 -14.01 -17.82 -11.20
C GLU B 133 -14.03 -18.08 -9.70
N ILE B 134 -12.84 -18.18 -9.10
CA ILE B 134 -12.70 -18.35 -7.65
C ILE B 134 -13.35 -17.17 -6.92
N VAL B 135 -12.99 -15.96 -7.33
CA VAL B 135 -13.57 -14.74 -6.75
C VAL B 135 -15.10 -14.73 -6.89
N SER B 136 -15.60 -15.19 -8.05
CA SER B 136 -17.03 -15.21 -8.31
C SER B 136 -17.79 -16.06 -7.29
N GLU B 137 -17.16 -17.15 -6.84
CA GLU B 137 -17.78 -18.03 -5.84
C GLU B 137 -17.99 -17.37 -4.49
N LEU B 138 -17.17 -16.36 -4.21
CA LEU B 138 -17.20 -15.63 -2.93
C LEU B 138 -18.20 -14.48 -2.95
N VAL B 139 -18.76 -14.19 -4.12
CA VAL B 139 -19.82 -13.18 -4.26
C VAL B 139 -21.09 -13.76 -4.89
N PRO B 140 -21.72 -14.76 -4.23
CA PRO B 140 -22.91 -15.37 -4.81
C PRO B 140 -24.00 -14.33 -5.09
N GLY B 141 -24.58 -14.40 -6.28
CA GLY B 141 -25.62 -13.45 -6.68
C GLY B 141 -25.11 -12.31 -7.53
N ALA B 142 -23.83 -11.98 -7.38
CA ALA B 142 -23.22 -10.91 -8.17
C ALA B 142 -22.91 -11.37 -9.58
N LYS B 143 -23.04 -10.45 -10.53
CA LYS B 143 -22.59 -10.67 -11.89
C LYS B 143 -21.17 -10.11 -11.95
N VAL B 144 -20.21 -10.99 -12.18
CA VAL B 144 -18.80 -10.64 -12.08
C VAL B 144 -18.19 -10.34 -13.45
N VAL B 145 -17.45 -9.23 -13.52
CA VAL B 145 -16.72 -8.85 -14.73
C VAL B 145 -15.24 -8.75 -14.38
N LYS B 146 -14.37 -9.34 -15.22
CA LYS B 146 -12.92 -9.22 -15.03
C LYS B 146 -12.40 -8.03 -15.85
N ALA B 147 -11.88 -7.01 -15.17
CA ALA B 147 -11.43 -5.78 -15.82
C ALA B 147 -10.57 -4.95 -14.87
N PHE B 148 -9.76 -4.07 -15.44
CA PHE B 148 -8.84 -3.19 -14.71
C PHE B 148 -7.64 -3.91 -14.09
N ASN B 149 -7.47 -5.19 -14.41
CA ASN B 149 -6.33 -5.96 -13.88
C ASN B 149 -5.12 -5.95 -14.81
N THR B 150 -5.29 -5.40 -16.01
CA THR B 150 -4.30 -5.56 -17.07
C THR B 150 -3.23 -4.49 -17.13
N LEU B 151 -3.51 -3.33 -16.57
CA LEU B 151 -2.58 -2.22 -16.70
C LEU B 151 -1.98 -1.85 -15.35
N PRO B 152 -0.65 -1.59 -15.32
CA PRO B 152 -0.10 -1.06 -14.09
C PRO B 152 -0.74 0.29 -13.75
N ALA B 153 -0.75 0.61 -12.47
CA ALA B 153 -1.36 1.83 -11.95
C ALA B 153 -0.87 3.10 -12.65
N ALA B 154 0.42 3.20 -12.94
CA ALA B 154 0.97 4.39 -13.61
C ALA B 154 0.43 4.58 -15.03
N VAL B 155 0.05 3.48 -15.69
CA VAL B 155 -0.55 3.56 -17.02
C VAL B 155 -2.04 3.91 -16.89
N LEU B 156 -2.72 3.26 -15.95
CA LEU B 156 -4.14 3.52 -15.72
C LEU B 156 -4.41 4.97 -15.28
N ALA B 157 -3.50 5.52 -14.48
CA ALA B 157 -3.67 6.87 -13.93
C ALA B 157 -3.56 7.96 -15.00
N ALA B 158 -2.82 7.69 -16.06
CA ALA B 158 -2.60 8.65 -17.16
C ALA B 158 -3.87 8.93 -17.95
N ASP B 159 -3.88 10.05 -18.65
CA ASP B 159 -4.94 10.38 -19.61
C ASP B 159 -4.96 9.28 -20.68
N PRO B 160 -6.10 8.59 -20.84
CA PRO B 160 -6.17 7.48 -21.81
C PRO B 160 -6.28 7.95 -23.26
N ASP B 161 -6.60 9.23 -23.46
CA ASP B 161 -6.72 9.76 -24.81
C ASP B 161 -5.43 10.46 -25.20
N LYS B 162 -4.70 9.84 -26.12
CA LYS B 162 -3.50 10.43 -26.67
C LYS B 162 -3.87 11.49 -27.72
N GLY B 163 -5.03 11.32 -28.34
CA GLY B 163 -5.42 12.07 -29.53
C GLY B 163 -5.08 11.25 -30.74
N THR B 164 -4.15 10.31 -30.55
CA THR B 164 -3.74 9.34 -31.57
C THR B 164 -4.39 7.97 -31.33
N GLY B 165 -5.37 7.93 -30.44
CA GLY B 165 -6.04 6.68 -30.06
C GLY B 165 -6.27 6.63 -28.57
N SER B 166 -7.07 5.66 -28.13
CA SER B 166 -7.48 5.52 -26.73
C SER B 166 -6.89 4.27 -26.11
N ARG B 167 -6.37 4.40 -24.89
CA ARG B 167 -5.79 3.27 -24.15
C ARG B 167 -6.78 2.12 -24.00
N VAL B 168 -6.33 0.92 -24.33
CA VAL B 168 -7.20 -0.26 -24.33
C VAL B 168 -7.30 -0.91 -22.95
N LEU B 169 -8.53 -1.16 -22.51
CA LEU B 169 -8.80 -2.02 -21.36
C LEU B 169 -9.61 -3.22 -21.80
N PHE B 170 -8.99 -4.39 -21.70
CA PHE B 170 -9.68 -5.65 -21.96
C PHE B 170 -10.63 -5.99 -20.79
N LEU B 171 -11.74 -6.64 -21.12
CA LEU B 171 -12.66 -7.11 -20.08
C LEU B 171 -13.26 -8.43 -20.51
N SER B 172 -13.80 -9.16 -19.54
CA SER B 172 -14.45 -10.44 -19.82
C SER B 172 -15.40 -10.79 -18.69
N GLY B 173 -16.25 -11.77 -18.91
CA GLY B 173 -17.25 -12.15 -17.91
C GLY B 173 -18.34 -12.98 -18.54
N ASN B 174 -19.05 -13.73 -17.71
CA ASN B 174 -20.05 -14.68 -18.22
C ASN B 174 -21.41 -14.07 -18.54
N HIS B 175 -21.60 -12.83 -18.12
CA HIS B 175 -22.90 -12.15 -18.24
C HIS B 175 -22.85 -10.98 -19.20
N SER B 176 -23.47 -11.17 -20.37
CA SER B 176 -23.49 -10.16 -21.44
C SER B 176 -23.86 -8.77 -20.95
N ASP B 177 -24.93 -8.69 -20.17
CA ASP B 177 -25.44 -7.41 -19.69
C ASP B 177 -24.46 -6.71 -18.74
N ALA B 178 -23.83 -7.49 -17.85
CA ALA B 178 -22.83 -6.92 -16.94
C ALA B 178 -21.58 -6.46 -17.71
N ASN B 179 -21.12 -7.27 -18.67
CA ASN B 179 -19.99 -6.89 -19.52
C ASN B 179 -20.28 -5.56 -20.21
N ARG B 180 -21.49 -5.43 -20.75
CA ARG B 180 -21.89 -4.22 -21.46
C ARG B 180 -21.86 -3.00 -20.54
N GLN B 181 -22.35 -3.15 -19.32
CA GLN B 181 -22.34 -2.06 -18.33
C GLN B 181 -20.92 -1.63 -17.95
N VAL B 182 -20.03 -2.61 -17.78
CA VAL B 182 -18.64 -2.28 -17.44
C VAL B 182 -17.92 -1.66 -18.65
N ALA B 183 -18.23 -2.16 -19.84
CA ALA B 183 -17.69 -1.56 -21.08
C ALA B 183 -18.15 -0.10 -21.19
N GLU B 184 -19.40 0.15 -20.81
CA GLU B 184 -19.94 1.52 -20.81
C GLU B 184 -19.16 2.43 -19.87
N LEU B 185 -18.85 1.93 -18.68
CA LEU B 185 -18.01 2.65 -17.73
C LEU B 185 -16.63 2.93 -18.32
N ILE B 186 -16.01 1.89 -18.88
CA ILE B 186 -14.66 2.00 -19.45
C ILE B 186 -14.61 3.08 -20.54
N SER B 187 -15.62 3.07 -21.41
CA SER B 187 -15.74 4.09 -22.46
C SER B 187 -15.90 5.49 -21.88
N SER B 188 -16.73 5.60 -20.84
CA SER B 188 -17.00 6.90 -20.18
C SER B 188 -15.77 7.44 -19.48
N LEU B 189 -14.88 6.54 -19.07
CA LEU B 189 -13.61 6.91 -18.47
C LEU B 189 -12.56 7.35 -19.52
N GLY B 190 -12.86 7.17 -20.80
CA GLY B 190 -11.98 7.59 -21.88
C GLY B 190 -11.10 6.49 -22.47
N PHE B 191 -11.23 5.29 -21.92
CA PHE B 191 -10.52 4.12 -22.42
C PHE B 191 -11.32 3.45 -23.54
N ALA B 192 -10.68 2.50 -24.22
CA ALA B 192 -11.34 1.69 -25.22
C ALA B 192 -11.58 0.29 -24.68
N PRO B 193 -12.85 -0.07 -24.42
CA PRO B 193 -13.12 -1.42 -23.95
C PRO B 193 -13.03 -2.44 -25.08
N VAL B 194 -12.43 -3.58 -24.78
CA VAL B 194 -12.44 -4.72 -25.70
C VAL B 194 -12.93 -5.91 -24.90
N ASP B 195 -14.16 -6.34 -25.20
CA ASP B 195 -14.80 -7.43 -24.49
C ASP B 195 -14.40 -8.76 -25.14
N LEU B 196 -13.61 -9.54 -24.41
CA LEU B 196 -13.01 -10.79 -24.89
C LEU B 196 -13.96 -11.98 -24.83
N GLY B 197 -15.07 -11.80 -24.12
CA GLY B 197 -16.06 -12.87 -23.97
C GLY B 197 -16.11 -13.42 -22.55
N THR B 198 -16.33 -14.73 -22.44
CA THR B 198 -16.51 -15.36 -21.14
C THR B 198 -15.22 -15.42 -20.33
N LEU B 199 -15.34 -15.75 -19.04
CA LEU B 199 -14.15 -16.00 -18.21
C LEU B 199 -13.32 -17.16 -18.75
N ALA B 200 -13.98 -18.18 -19.29
CA ALA B 200 -13.26 -19.29 -19.91
C ALA B 200 -12.44 -18.81 -21.11
N ALA B 201 -13.05 -17.96 -21.93
CA ALA B 201 -12.39 -17.44 -23.13
C ALA B 201 -11.19 -16.55 -22.77
N SER B 202 -11.32 -15.78 -21.70
CA SER B 202 -10.27 -14.84 -21.34
C SER B 202 -9.18 -15.44 -20.45
N GLY B 203 -9.44 -16.60 -19.86
CA GLY B 203 -8.50 -17.26 -18.94
C GLY B 203 -7.05 -17.32 -19.43
N PRO B 204 -6.84 -17.86 -20.64
CA PRO B 204 -5.49 -18.00 -21.18
C PRO B 204 -4.89 -16.70 -21.73
N ILE B 205 -5.61 -15.59 -21.59
CA ILE B 205 -5.31 -14.37 -22.32
C ILE B 205 -5.19 -13.14 -21.40
N GLN B 206 -6.16 -12.98 -20.50
CA GLN B 206 -6.30 -11.79 -19.68
C GLN B 206 -5.84 -12.01 -18.24
N GLN B 207 -5.68 -13.26 -17.85
CA GLN B 207 -5.26 -13.57 -16.48
C GLN B 207 -3.78 -13.27 -16.30
N PHE B 208 -3.38 -12.90 -15.08
CA PHE B 208 -1.97 -12.62 -14.81
C PHE B 208 -1.08 -13.73 -15.36
N GLY B 209 0.01 -13.35 -16.02
CA GLY B 209 0.96 -14.29 -16.61
C GLY B 209 0.69 -14.57 -18.08
N ARG B 210 -0.43 -14.04 -18.58
CA ARG B 210 -0.86 -14.29 -19.96
C ARG B 210 -0.65 -13.05 -20.84
N PRO B 211 -0.68 -13.22 -22.18
CA PRO B 211 -0.15 -12.20 -23.09
C PRO B 211 -0.75 -10.78 -23.02
N LEU B 212 -2.00 -10.63 -22.60
CA LEU B 212 -2.63 -9.30 -22.63
C LEU B 212 -2.40 -8.48 -21.36
N VAL B 213 -1.79 -9.10 -20.36
CA VAL B 213 -1.50 -8.41 -19.11
C VAL B 213 -0.24 -7.56 -19.29
N ALA B 214 -0.31 -6.31 -18.81
CA ALA B 214 0.78 -5.34 -18.92
C ALA B 214 1.13 -4.98 -20.37
N LEU B 215 0.18 -5.17 -21.27
CA LEU B 215 0.36 -4.82 -22.66
C LEU B 215 -0.34 -3.51 -22.96
N ASN B 216 0.45 -2.50 -23.35
CA ASN B 216 -0.06 -1.16 -23.65
C ASN B 216 -0.45 -1.02 -25.12
N LEU B 217 -1.76 -0.94 -25.36
CA LEU B 217 -2.32 -0.80 -26.71
C LEU B 217 -3.25 0.40 -26.79
N LEU B 218 -3.38 0.94 -28.00
CA LEU B 218 -4.35 2.00 -28.30
C LEU B 218 -5.33 1.53 -29.35
N LYS B 219 -6.58 2.00 -29.25
CA LYS B 219 -7.54 1.78 -30.32
C LYS B 219 -7.66 3.10 -31.05
N ASP B 220 -7.17 3.13 -32.29
CA ASP B 220 -7.19 4.37 -33.07
C ASP B 220 -8.44 4.43 -33.95
#